data_8U5G
#
_entry.id   8U5G
#
_cell.length_a   334.795
_cell.length_b   334.795
_cell.length_c   334.795
_cell.angle_alpha   90.00
_cell.angle_beta   90.00
_cell.angle_gamma   90.00
#
_symmetry.space_group_name_H-M   'F 4 3 2'
#
loop_
_entity.id
_entity.type
_entity.pdbx_description
1 polymer 'Serine/threonine-protein phosphatase PP1-alpha catalytic subunit'
2 polymer 'Protein phosphatase 1 regulatory subunit 7'
3 polymer 'E3 ubiquitin-protein ligase PPP1R11'
4 non-polymer 'FE (III) ION'
5 non-polymer 'PHOSPHATE ION'
6 water water
#
loop_
_entity_poly.entity_id
_entity_poly.type
_entity_poly.pdbx_seq_one_letter_code
_entity_poly.pdbx_strand_id
1 'polypeptide(L)'
;GHMGSLNLDSIIGRLLEVQGSRPGKNVQLTENEIRGLCLKSREIFLSQPILLELEAPLKICGDIHGQYYDLLRLFEYGGF
PPESNYLFLGDYVDRGKQSLETICLLLAYKIKYPENFFLLRGNHECASINRIYGFYDECKRRYNIKLWKTFTDCFNCLPI
AAIVDEKIFCCHGGLSPDLQSMEQIRRIMRPTDVPDQGLLCDLLWSDPDKDVQGWGENDRGVSFTFGAEVVAKFLHKHDL
DLICRAHQVVEDGYEFFAKRQLVTLFSAPNYCGEFDNAGAMMSVDETLMCSFQILKPAD
;
A
2 'polypeptide(L)'
;GHMGSEEDPEEEHELPVDMETINLDRDAEDVDLNHYRIGKIEGFEVLKKVKTLCLRQNLIKCIENLEELQSLRELDLYDN
QIKKIENLEALTELEILDISFNLLRNIEGVDKLTRLKKLFLVNNKISKIENLSNLHQLQMLELGSNRIRAIENIDTLTNL
ESLFLGKNKITKLQNLDALTNLTVLSMQSNRLTKIEGLQNLVNLRELYLSHNGIEVIEGLENNNKLTMLDIASNRIKKIE
NISHLTELQEFWMNDNLLESWSDLDELKGARSLETVYLERNPLQKDPQYRRKVMLALPSVRQIDATFVRF
;
B
3 'polypeptide(L)' GAMGSLTIKLRKRKPEKKVEWTSDTVDNEHMGRRSSKCCCIYEKPR C
#
# COMPACT_ATOMS: atom_id res chain seq x y z
N GLY A 4 -9.09 0.01 -24.30
CA GLY A 4 -7.97 0.68 -24.92
C GLY A 4 -8.09 2.19 -24.92
N SER A 5 -9.31 2.69 -24.71
CA SER A 5 -9.60 4.12 -24.70
C SER A 5 -10.20 4.50 -23.36
N LEU A 6 -9.74 5.62 -22.78
CA LEU A 6 -10.27 6.10 -21.52
C LEU A 6 -10.41 7.61 -21.54
N ASN A 7 -11.57 8.11 -21.12
CA ASN A 7 -11.83 9.55 -21.12
C ASN A 7 -11.05 10.13 -19.95
N LEU A 8 -9.85 10.66 -20.25
CA LEU A 8 -9.01 11.26 -19.22
C LEU A 8 -9.67 12.45 -18.55
N ASP A 9 -10.25 13.36 -19.33
CA ASP A 9 -10.87 14.54 -18.73
C ASP A 9 -12.11 14.19 -17.91
N SER A 10 -12.86 13.15 -18.29
CA SER A 10 -13.98 12.71 -17.46
C SER A 10 -13.49 12.25 -16.10
N ILE A 11 -12.37 11.52 -16.08
CA ILE A 11 -11.81 11.00 -14.84
C ILE A 11 -11.26 12.14 -13.99
N ILE A 12 -10.49 13.04 -14.61
CA ILE A 12 -9.90 14.15 -13.89
C ILE A 12 -10.99 15.09 -13.36
N GLY A 13 -12.07 15.26 -14.13
CA GLY A 13 -13.17 16.09 -13.65
C GLY A 13 -13.83 15.55 -12.39
N ARG A 14 -14.24 14.27 -12.42
CA ARG A 14 -14.85 13.67 -11.24
C ARG A 14 -13.90 13.61 -10.06
N LEU A 15 -12.60 13.57 -10.33
CA LEU A 15 -11.62 13.57 -9.25
C LEU A 15 -11.45 14.96 -8.67
N LEU A 16 -11.51 15.99 -9.50
CA LEU A 16 -11.39 17.37 -9.03
C LEU A 16 -12.70 17.91 -8.47
N GLU A 17 -13.81 17.20 -8.71
CA GLU A 17 -15.14 17.65 -8.30
C GLU A 17 -15.30 17.63 -6.78
N VAL A 18 -14.54 16.78 -6.08
CA VAL A 18 -14.58 16.70 -4.62
C VAL A 18 -13.74 17.79 -3.95
N GLN A 19 -13.17 18.71 -4.72
CA GLN A 19 -12.37 19.76 -4.13
C GLN A 19 -13.23 20.64 -3.23
N GLY A 20 -12.65 21.03 -2.09
CA GLY A 20 -13.32 21.80 -1.07
C GLY A 20 -14.22 21.02 -0.13
N SER A 21 -14.60 19.79 -0.47
CA SER A 21 -15.40 18.98 0.44
C SER A 21 -14.64 18.66 1.72
N ARG A 22 -15.38 18.22 2.74
CA ARG A 22 -14.79 17.81 4.02
C ARG A 22 -14.08 16.49 3.82
N PRO A 23 -12.77 16.38 4.05
CA PRO A 23 -12.04 15.19 3.60
C PRO A 23 -12.74 13.92 4.05
N GLY A 24 -12.77 12.94 3.16
CA GLY A 24 -13.37 11.66 3.48
C GLY A 24 -14.31 11.28 2.37
N LYS A 25 -14.66 12.29 1.57
CA LYS A 25 -15.55 12.11 0.43
C LYS A 25 -14.86 11.48 -0.77
N ASN A 26 -15.55 10.54 -1.39
CA ASN A 26 -15.01 9.67 -2.41
C ASN A 26 -15.50 10.07 -3.79
N VAL A 27 -15.09 9.27 -4.76
CA VAL A 27 -15.19 9.47 -6.20
C VAL A 27 -15.26 8.04 -6.67
N GLN A 28 -16.35 7.64 -7.29
CA GLN A 28 -16.43 6.26 -7.75
C GLN A 28 -16.19 6.21 -9.24
N LEU A 29 -14.99 5.80 -9.60
CA LEU A 29 -14.60 5.52 -10.97
C LEU A 29 -15.00 4.07 -11.28
N THR A 30 -15.07 3.76 -12.57
CA THR A 30 -15.37 2.38 -12.90
C THR A 30 -14.09 1.55 -12.77
N GLU A 31 -14.27 0.24 -12.62
CA GLU A 31 -13.12 -0.64 -12.44
C GLU A 31 -12.19 -0.52 -13.64
N ASN A 32 -12.75 -0.51 -14.85
CA ASN A 32 -11.95 -0.39 -16.06
C ASN A 32 -11.21 0.94 -16.12
N GLU A 33 -11.81 2.00 -15.58
CA GLU A 33 -11.15 3.31 -15.57
C GLU A 33 -9.88 3.29 -14.73
N ILE A 34 -9.95 2.68 -13.55
CA ILE A 34 -8.77 2.56 -12.70
C ILE A 34 -7.74 1.64 -13.34
N ARG A 35 -8.18 0.53 -13.91
CA ARG A 35 -7.23 -0.40 -14.52
C ARG A 35 -6.54 0.26 -15.71
N GLY A 36 -7.31 0.96 -16.55
CA GLY A 36 -6.69 1.68 -17.64
C GLY A 36 -5.68 2.72 -17.17
N LEU A 37 -6.00 3.42 -16.09
CA LEU A 37 -5.04 4.37 -15.53
C LEU A 37 -3.73 3.67 -15.14
N CYS A 38 -3.84 2.48 -14.55
CA CYS A 38 -2.64 1.72 -14.19
C CYS A 38 -1.87 1.28 -15.43
N LEU A 39 -2.56 0.67 -16.39
CA LEU A 39 -1.90 0.14 -17.58
C LEU A 39 -1.26 1.24 -18.43
N LYS A 40 -2.01 2.31 -18.71
CA LYS A 40 -1.49 3.36 -19.58
C LYS A 40 -0.29 4.05 -18.95
N SER A 41 -0.38 4.36 -17.66
CA SER A 41 0.72 5.05 -16.99
C SER A 41 1.93 4.14 -16.93
N ARG A 42 1.69 2.83 -16.76
CA ARG A 42 2.77 1.85 -16.75
C ARG A 42 3.57 1.92 -18.06
N GLU A 43 2.89 2.10 -19.20
CA GLU A 43 3.61 2.22 -20.46
C GLU A 43 4.51 3.46 -20.46
N ILE A 44 4.04 4.55 -19.87
CA ILE A 44 4.85 5.76 -19.82
C ILE A 44 6.04 5.59 -18.88
N PHE A 45 5.83 4.94 -17.72
CA PHE A 45 6.96 4.69 -16.82
C PHE A 45 8.04 3.89 -17.52
N LEU A 46 7.64 2.84 -18.25
CA LEU A 46 8.61 2.00 -18.93
C LEU A 46 9.30 2.71 -20.08
N SER A 47 8.66 3.73 -20.65
CA SER A 47 9.24 4.48 -21.77
C SER A 47 10.13 5.63 -21.34
N GLN A 48 10.28 5.87 -20.04
CA GLN A 48 11.21 6.84 -19.48
C GLN A 48 12.24 6.14 -18.60
N PRO A 49 13.42 6.74 -18.43
CA PRO A 49 14.47 6.07 -17.63
C PRO A 49 14.05 5.81 -16.19
N ILE A 50 14.72 4.84 -15.58
CA ILE A 50 14.49 4.55 -14.16
C ILE A 50 15.22 5.53 -13.26
N LEU A 51 16.25 6.20 -13.78
CA LEU A 51 16.92 7.30 -13.08
C LEU A 51 16.57 8.55 -13.91
N LEU A 52 15.57 9.29 -13.46
CA LEU A 52 15.11 10.47 -14.19
C LEU A 52 16.15 11.57 -14.13
N GLU A 53 16.32 12.27 -15.26
CA GLU A 53 17.19 13.44 -15.32
C GLU A 53 16.30 14.63 -15.70
N LEU A 54 15.92 15.41 -14.69
CA LEU A 54 14.96 16.49 -14.81
C LEU A 54 15.69 17.83 -14.73
N GLU A 55 15.04 18.86 -15.29
CA GLU A 55 15.57 20.22 -15.23
C GLU A 55 14.58 21.14 -14.52
N ALA A 56 15.13 22.10 -13.78
CA ALA A 56 14.34 23.10 -13.10
C ALA A 56 13.71 24.03 -14.13
N PRO A 57 12.61 24.71 -13.79
CA PRO A 57 11.92 24.78 -12.49
C PRO A 57 10.95 23.62 -12.31
N LEU A 58 10.82 23.17 -11.07
CA LEU A 58 9.80 22.18 -10.73
C LEU A 58 9.55 22.25 -9.23
N LYS A 59 8.43 21.66 -8.82
CA LYS A 59 8.02 21.63 -7.43
C LYS A 59 8.08 20.18 -6.96
N ILE A 60 8.83 19.95 -5.89
CA ILE A 60 9.09 18.61 -5.37
C ILE A 60 8.27 18.40 -4.10
N CYS A 61 7.57 17.26 -4.03
CA CYS A 61 6.70 16.98 -2.90
C CYS A 61 7.09 15.65 -2.27
N GLY A 62 6.87 15.56 -0.97
CA GLY A 62 7.09 14.35 -0.20
C GLY A 62 5.82 13.54 -0.05
N ASP A 63 5.83 12.67 0.96
CA ASP A 63 4.79 11.66 1.10
C ASP A 63 3.41 12.29 1.09
N ILE A 64 2.45 11.54 0.54
CA ILE A 64 1.06 11.95 0.59
C ILE A 64 0.25 11.03 1.50
N HIS A 65 0.58 9.74 1.53
CA HIS A 65 -0.02 8.78 2.44
C HIS A 65 -1.52 8.79 2.27
N GLY A 66 -1.96 8.88 1.02
CA GLY A 66 -3.36 8.81 0.69
C GLY A 66 -4.18 10.00 1.14
N GLN A 67 -3.56 11.03 1.73
CA GLN A 67 -4.36 12.15 2.20
C GLN A 67 -4.75 13.00 1.00
N TYR A 68 -5.85 12.60 0.38
CA TYR A 68 -6.26 13.12 -0.91
C TYR A 68 -6.59 14.60 -0.80
N TYR A 69 -7.17 14.99 0.33
CA TYR A 69 -7.56 16.38 0.52
C TYR A 69 -6.38 17.29 0.74
N ASP A 70 -5.27 16.76 1.26
CA ASP A 70 -4.04 17.55 1.32
C ASP A 70 -3.32 17.62 -0.03
N LEU A 71 -3.47 16.59 -0.88
CA LEU A 71 -2.94 16.68 -2.24
C LEU A 71 -3.66 17.75 -3.05
N LEU A 72 -4.98 17.84 -2.93
CA LEU A 72 -5.69 18.91 -3.60
C LEU A 72 -5.18 20.26 -3.13
N ARG A 73 -4.93 20.39 -1.82
CA ARG A 73 -4.44 21.65 -1.28
C ARG A 73 -3.03 21.96 -1.79
N LEU A 74 -2.20 20.93 -1.96
CA LEU A 74 -0.88 21.14 -2.57
C LEU A 74 -0.99 21.74 -3.97
N PHE A 75 -1.89 21.18 -4.80
CA PHE A 75 -2.01 21.69 -6.17
C PHE A 75 -2.57 23.10 -6.24
N GLU A 76 -3.43 23.49 -5.30
CA GLU A 76 -3.93 24.86 -5.32
C GLU A 76 -2.82 25.83 -4.92
N TYR A 77 -1.99 25.45 -3.96
CA TYR A 77 -0.88 26.29 -3.52
C TYR A 77 0.16 26.36 -4.63
N GLY A 78 0.60 25.20 -5.13
CA GLY A 78 1.65 25.12 -6.13
C GLY A 78 1.21 25.36 -7.56
N GLY A 79 -0.08 25.28 -7.84
CA GLY A 79 -0.58 25.37 -9.21
C GLY A 79 -0.87 24.00 -9.78
N PHE A 80 -2.06 23.82 -10.35
CA PHE A 80 -2.43 22.54 -10.93
C PHE A 80 -1.63 22.27 -12.20
N PRO A 81 -1.24 21.03 -12.45
CA PRO A 81 -0.57 20.69 -13.71
C PRO A 81 -1.40 21.12 -14.91
N PRO A 82 -0.76 21.65 -15.96
CA PRO A 82 0.67 21.74 -16.23
C PRO A 82 1.30 23.08 -15.81
N GLU A 83 0.62 23.85 -14.94
CA GLU A 83 1.09 25.19 -14.59
C GLU A 83 2.42 25.15 -13.88
N SER A 84 2.76 24.02 -13.28
CA SER A 84 4.05 23.82 -12.66
C SER A 84 4.46 22.39 -12.97
N ASN A 85 5.75 22.13 -12.85
CA ASN A 85 6.24 20.77 -13.04
C ASN A 85 6.41 20.16 -11.67
N TYR A 86 6.03 18.90 -11.55
CA TYR A 86 5.98 18.24 -10.27
C TYR A 86 6.82 16.99 -10.33
N LEU A 87 7.53 16.74 -9.24
CA LEU A 87 8.21 15.49 -9.00
C LEU A 87 7.81 15.03 -7.60
N PHE A 88 7.01 13.97 -7.53
CA PHE A 88 6.66 13.39 -6.25
C PHE A 88 7.67 12.31 -5.90
N LEU A 89 7.94 12.18 -4.61
CA LEU A 89 8.98 11.28 -4.13
C LEU A 89 8.44 9.99 -3.53
N GLY A 90 7.14 9.72 -3.65
CA GLY A 90 6.61 8.41 -3.33
C GLY A 90 5.67 8.46 -2.13
N ASP A 91 5.19 7.26 -1.77
CA ASP A 91 4.23 7.05 -0.69
C ASP A 91 2.94 7.85 -0.93
N TYR A 92 2.22 7.40 -1.96
CA TYR A 92 0.95 8.00 -2.34
C TYR A 92 -0.24 7.34 -1.66
N VAL A 93 -0.10 6.10 -1.23
CA VAL A 93 -1.17 5.30 -0.66
C VAL A 93 -0.84 4.94 0.77
N ASP A 94 -1.90 4.64 1.56
CA ASP A 94 -1.75 4.33 2.97
C ASP A 94 -2.97 3.81 3.71
N ARG A 95 -3.98 4.63 4.02
CA ARG A 95 -5.18 4.00 4.57
C ARG A 95 -6.54 4.71 4.47
N GLY A 96 -6.69 5.88 5.10
CA GLY A 96 -7.98 6.54 5.27
C GLY A 96 -9.00 6.52 4.14
N LYS A 97 -9.19 5.35 3.55
CA LYS A 97 -10.04 5.06 2.40
C LYS A 97 -10.11 6.18 1.37
N GLN A 98 -8.97 6.80 1.07
CA GLN A 98 -8.88 7.77 -0.02
C GLN A 98 -7.54 7.62 -0.73
N SER A 99 -6.95 6.42 -0.67
CA SER A 99 -5.73 6.20 -1.41
C SER A 99 -6.01 6.04 -2.90
N LEU A 100 -7.19 5.52 -3.26
CA LEU A 100 -7.51 5.34 -4.66
C LEU A 100 -7.59 6.68 -5.40
N GLU A 101 -8.26 7.66 -4.81
CA GLU A 101 -8.33 8.98 -5.43
C GLU A 101 -6.94 9.61 -5.55
N THR A 102 -6.11 9.48 -4.51
CA THR A 102 -4.77 10.06 -4.55
C THR A 102 -3.95 9.48 -5.70
N ILE A 103 -3.85 8.14 -5.78
CA ILE A 103 -3.01 7.52 -6.80
C ILE A 103 -3.63 7.72 -8.18
N CYS A 104 -4.96 7.65 -8.29
CA CYS A 104 -5.61 7.80 -9.60
C CYS A 104 -5.41 9.20 -10.18
N LEU A 105 -5.50 10.25 -9.35
CA LEU A 105 -5.29 11.60 -9.87
C LEU A 105 -3.85 11.80 -10.29
N LEU A 106 -2.90 11.26 -9.52
CA LEU A 106 -1.49 11.38 -9.89
C LEU A 106 -1.19 10.58 -11.15
N LEU A 107 -1.75 9.38 -11.26
CA LEU A 107 -1.52 8.60 -12.48
C LEU A 107 -2.16 9.30 -13.67
N ALA A 108 -3.35 9.90 -13.48
CA ALA A 108 -4.02 10.60 -14.56
C ALA A 108 -3.20 11.79 -15.06
N TYR A 109 -2.69 12.61 -14.13
CA TYR A 109 -1.82 13.72 -14.51
C TYR A 109 -0.52 13.21 -15.15
N LYS A 110 -0.01 12.08 -14.68
CA LYS A 110 1.18 11.50 -15.29
C LYS A 110 0.91 11.15 -16.75
N ILE A 111 -0.27 10.58 -17.02
CA ILE A 111 -0.62 10.23 -18.40
C ILE A 111 -0.87 11.49 -19.23
N LYS A 112 -1.54 12.49 -18.65
CA LYS A 112 -1.89 13.67 -19.44
C LYS A 112 -0.68 14.57 -19.72
N TYR A 113 0.27 14.67 -18.78
CA TYR A 113 1.45 15.51 -18.93
C TYR A 113 2.71 14.70 -18.62
N PRO A 114 3.06 13.75 -19.48
CA PRO A 114 4.12 12.78 -19.12
C PRO A 114 5.52 13.36 -19.05
N GLU A 115 5.78 14.56 -19.58
CA GLU A 115 7.09 15.18 -19.43
C GLU A 115 7.08 16.44 -18.59
N ASN A 116 6.01 16.68 -17.83
CA ASN A 116 5.98 17.79 -16.89
C ASN A 116 5.47 17.34 -15.53
N PHE A 117 5.27 16.04 -15.34
CA PHE A 117 4.76 15.48 -14.10
C PHE A 117 5.49 14.16 -13.87
N PHE A 118 6.03 13.94 -12.66
CA PHE A 118 6.89 12.79 -12.43
C PHE A 118 6.64 12.20 -11.05
N LEU A 119 6.70 10.87 -10.97
CA LEU A 119 6.45 10.13 -9.74
C LEU A 119 7.57 9.14 -9.50
N LEU A 120 8.23 9.24 -8.36
CA LEU A 120 9.18 8.23 -7.93
C LEU A 120 8.47 7.15 -7.11
N ARG A 121 9.18 6.07 -6.86
CA ARG A 121 8.62 4.95 -6.11
C ARG A 121 8.97 5.12 -4.63
N GLY A 122 7.97 5.00 -3.78
CA GLY A 122 8.16 4.91 -2.36
C GLY A 122 7.95 3.49 -1.86
N ASN A 123 8.35 3.27 -0.61
CA ASN A 123 8.21 1.96 -0.02
C ASN A 123 6.74 1.55 0.17
N HIS A 124 5.81 2.50 0.10
CA HIS A 124 4.39 2.16 0.13
C HIS A 124 3.89 1.65 -1.21
N GLU A 125 4.70 1.76 -2.25
CA GLU A 125 4.39 1.28 -3.61
C GLU A 125 5.09 -0.05 -3.81
N CYS A 126 4.95 -0.91 -2.81
CA CYS A 126 5.56 -2.22 -2.88
C CYS A 126 4.60 -3.22 -3.52
N ALA A 127 5.11 -4.41 -3.80
CA ALA A 127 4.34 -5.42 -4.49
C ALA A 127 3.90 -6.53 -3.54
N SER A 128 3.91 -6.25 -2.25
CA SER A 128 3.50 -7.18 -1.23
C SER A 128 2.72 -6.44 -0.16
N ILE A 129 2.20 -7.22 0.79
CA ILE A 129 1.65 -6.64 2.01
C ILE A 129 2.54 -7.08 3.16
N ASN A 130 3.87 -7.11 2.91
CA ASN A 130 4.82 -7.41 3.97
C ASN A 130 4.89 -6.32 5.03
N ARG A 131 4.72 -5.06 4.63
CA ARG A 131 4.82 -3.95 5.57
C ARG A 131 3.70 -2.92 5.44
N ILE A 132 2.90 -2.98 4.37
CA ILE A 132 1.83 -2.02 4.15
C ILE A 132 0.56 -2.81 3.87
N TYR A 133 -0.53 -2.47 4.56
CA TYR A 133 -1.80 -3.16 4.38
C TYR A 133 -2.96 -2.27 3.98
N GLY A 134 -2.87 -0.96 4.23
CA GLY A 134 -4.02 -0.10 4.02
C GLY A 134 -4.49 -0.06 2.58
N PHE A 135 -3.55 0.13 1.65
CA PHE A 135 -3.95 0.25 0.25
C PHE A 135 -4.49 -1.06 -0.29
N TYR A 136 -3.86 -2.18 0.07
CA TYR A 136 -4.42 -3.49 -0.27
C TYR A 136 -5.80 -3.63 0.32
N ASP A 137 -5.97 -3.20 1.58
CA ASP A 137 -7.25 -3.28 2.25
C ASP A 137 -8.30 -2.46 1.51
N GLU A 138 -7.94 -1.23 1.10
CA GLU A 138 -8.88 -0.35 0.41
C GLU A 138 -9.29 -0.92 -0.95
N CYS A 139 -8.35 -1.52 -1.68
CA CYS A 139 -8.68 -2.02 -3.02
C CYS A 139 -9.73 -3.11 -2.94
N LYS A 140 -9.52 -4.08 -2.03
CA LYS A 140 -10.46 -5.20 -1.92
C LYS A 140 -11.79 -4.76 -1.32
N ARG A 141 -11.80 -3.72 -0.49
CA ARG A 141 -13.06 -3.29 0.11
C ARG A 141 -13.94 -2.56 -0.90
N ARG A 142 -13.32 -1.76 -1.77
CA ARG A 142 -14.03 -0.99 -2.78
C ARG A 142 -14.17 -1.73 -4.12
N TYR A 143 -13.30 -2.70 -4.40
CA TYR A 143 -13.35 -3.39 -5.67
C TYR A 143 -13.06 -4.87 -5.45
N ASN A 144 -11.85 -5.31 -5.76
CA ASN A 144 -11.45 -6.70 -5.53
C ASN A 144 -9.94 -6.74 -5.41
N ILE A 145 -9.44 -7.90 -4.98
CA ILE A 145 -8.00 -8.06 -4.79
C ILE A 145 -7.23 -7.94 -6.11
N LYS A 146 -7.82 -8.40 -7.22
CA LYS A 146 -7.13 -8.32 -8.50
C LYS A 146 -6.79 -6.87 -8.88
N LEU A 147 -7.67 -5.93 -8.51
CA LEU A 147 -7.37 -4.51 -8.75
C LEU A 147 -6.06 -4.11 -8.09
N TRP A 148 -5.83 -4.60 -6.86
CA TRP A 148 -4.56 -4.36 -6.18
C TRP A 148 -3.39 -4.98 -6.93
N LYS A 149 -3.57 -6.18 -7.47
CA LYS A 149 -2.51 -6.81 -8.26
C LYS A 149 -2.12 -5.95 -9.45
N THR A 150 -3.13 -5.43 -10.17
CA THR A 150 -2.87 -4.49 -11.27
C THR A 150 -2.12 -3.25 -10.80
N PHE A 151 -2.36 -2.79 -9.57
CA PHE A 151 -1.62 -1.63 -9.09
C PHE A 151 -0.15 -1.97 -8.87
N THR A 152 0.14 -3.18 -8.39
CA THR A 152 1.53 -3.60 -8.23
C THR A 152 2.24 -3.70 -9.57
N ASP A 153 1.51 -4.05 -10.63
CA ASP A 153 2.10 -4.05 -11.97
C ASP A 153 2.54 -2.64 -12.34
N CYS A 154 1.68 -1.66 -12.05
CA CYS A 154 2.04 -0.27 -12.28
C CYS A 154 3.21 0.14 -11.37
N PHE A 155 3.09 -0.16 -10.07
CA PHE A 155 4.14 0.18 -9.11
C PHE A 155 5.49 -0.41 -9.50
N ASN A 156 5.50 -1.65 -10.00
CA ASN A 156 6.76 -2.31 -10.33
C ASN A 156 7.53 -1.63 -11.45
N CYS A 157 6.91 -0.67 -12.14
CA CYS A 157 7.56 0.03 -13.24
C CYS A 157 7.86 1.48 -12.93
N LEU A 158 7.56 1.95 -11.72
CA LEU A 158 7.89 3.32 -11.35
C LEU A 158 9.39 3.55 -11.37
N PRO A 159 9.83 4.77 -11.68
CA PRO A 159 11.25 5.10 -11.55
C PRO A 159 11.64 5.18 -10.09
N ILE A 160 12.95 5.14 -9.84
CA ILE A 160 13.48 4.92 -8.51
C ILE A 160 14.14 6.19 -7.95
N ALA A 161 14.78 6.97 -8.80
CA ALA A 161 15.45 8.19 -8.35
C ALA A 161 15.46 9.21 -9.46
N ALA A 162 15.80 10.45 -9.10
CA ALA A 162 15.88 11.53 -10.07
C ALA A 162 17.02 12.46 -9.70
N ILE A 163 17.64 13.04 -10.72
CA ILE A 163 18.70 14.03 -10.56
C ILE A 163 18.29 15.30 -11.28
N VAL A 164 18.14 16.39 -10.54
CA VAL A 164 17.69 17.65 -11.12
C VAL A 164 18.91 18.49 -11.46
N ASP A 165 19.09 18.77 -12.76
CA ASP A 165 20.16 19.63 -13.28
C ASP A 165 21.54 19.21 -12.76
N GLU A 166 21.74 17.90 -12.63
CA GLU A 166 23.03 17.35 -12.29
C GLU A 166 23.52 17.80 -10.91
N LYS A 167 22.61 18.29 -10.06
CA LYS A 167 22.99 18.81 -8.75
C LYS A 167 22.08 18.38 -7.61
N ILE A 168 20.84 17.95 -7.83
CA ILE A 168 19.93 17.59 -6.74
C ILE A 168 19.55 16.14 -6.94
N PHE A 169 20.01 15.27 -6.04
CA PHE A 169 19.65 13.86 -6.09
C PHE A 169 18.38 13.62 -5.29
N CYS A 170 17.41 12.95 -5.90
CA CYS A 170 16.09 12.75 -5.29
C CYS A 170 15.77 11.26 -5.28
N CYS A 171 15.33 10.78 -4.12
CA CYS A 171 14.83 9.42 -3.98
C CYS A 171 13.91 9.42 -2.76
N HIS A 172 13.21 8.29 -2.56
CA HIS A 172 12.28 8.27 -1.44
C HIS A 172 12.99 8.06 -0.12
N GLY A 173 13.80 7.00 -0.03
CA GLY A 173 14.46 6.66 1.21
C GLY A 173 15.76 7.40 1.46
N GLY A 174 16.83 6.99 0.80
CA GLY A 174 18.11 7.65 1.03
C GLY A 174 19.22 6.90 0.33
N LEU A 175 20.41 7.02 0.88
CA LEU A 175 21.58 6.47 0.24
C LEU A 175 21.68 4.97 0.54
N SER A 176 22.56 4.31 -0.19
CA SER A 176 22.78 2.89 -0.04
C SER A 176 24.28 2.66 0.10
N PRO A 177 24.70 1.78 1.01
CA PRO A 177 26.13 1.41 1.06
C PRO A 177 26.61 0.68 -0.19
N ASP A 178 25.70 0.13 -1.01
CA ASP A 178 26.10 -0.52 -2.24
C ASP A 178 26.18 0.42 -3.43
N LEU A 179 25.79 1.68 -3.27
CA LEU A 179 25.72 2.61 -4.39
C LEU A 179 27.11 3.23 -4.57
N GLN A 180 27.79 2.83 -5.63
CA GLN A 180 29.08 3.37 -6.01
C GLN A 180 29.01 4.21 -7.26
N SER A 181 28.13 3.85 -8.20
CA SER A 181 27.99 4.57 -9.45
C SER A 181 26.51 4.67 -9.79
N MET A 182 26.15 5.75 -10.50
CA MET A 182 24.79 5.91 -11.02
C MET A 182 24.41 4.81 -11.97
N GLU A 183 25.40 4.18 -12.61
CA GLU A 183 25.12 3.11 -13.55
C GLU A 183 24.36 1.98 -12.87
N GLN A 184 24.66 1.70 -11.60
CA GLN A 184 23.95 0.63 -10.91
C GLN A 184 22.45 0.92 -10.81
N ILE A 185 22.05 2.18 -10.61
CA ILE A 185 20.62 2.51 -10.61
C ILE A 185 19.98 2.38 -11.99
N ARG A 186 20.66 2.88 -13.03
CA ARG A 186 20.12 2.80 -14.40
C ARG A 186 20.01 1.37 -14.92
N ARG A 187 20.84 0.46 -14.43
CA ARG A 187 20.81 -0.93 -14.87
C ARG A 187 19.69 -1.75 -14.25
N ILE A 188 18.99 -1.22 -13.24
CA ILE A 188 17.89 -1.95 -12.64
C ILE A 188 16.76 -2.04 -13.64
N MET A 189 16.23 -3.25 -13.82
CA MET A 189 15.29 -3.53 -14.89
C MET A 189 13.90 -3.67 -14.32
N ARG A 190 12.93 -3.27 -15.13
CA ARG A 190 11.53 -3.24 -14.71
C ARG A 190 10.70 -4.10 -15.63
N PRO A 191 9.62 -4.71 -15.11
CA PRO A 191 9.18 -4.64 -13.71
C PRO A 191 10.03 -5.39 -12.70
N THR A 192 10.04 -4.88 -11.46
CA THR A 192 10.73 -5.50 -10.35
C THR A 192 9.99 -5.16 -9.07
N ASP A 193 10.05 -6.06 -8.10
CA ASP A 193 9.57 -5.74 -6.76
C ASP A 193 10.70 -5.15 -5.93
N VAL A 194 10.34 -4.65 -4.75
CA VAL A 194 11.30 -4.13 -3.80
C VAL A 194 11.86 -5.32 -3.03
N PRO A 195 13.17 -5.58 -3.09
CA PRO A 195 13.77 -6.65 -2.29
C PRO A 195 13.82 -6.26 -0.81
N ASP A 196 14.21 -7.23 0.01
CA ASP A 196 14.44 -6.95 1.42
C ASP A 196 15.89 -6.59 1.69
N GLN A 197 16.72 -6.60 0.66
CA GLN A 197 18.14 -6.30 0.77
C GLN A 197 18.60 -5.69 -0.54
N GLY A 198 19.52 -4.74 -0.44
CA GLY A 198 20.22 -4.28 -1.62
C GLY A 198 19.91 -2.84 -1.98
N LEU A 199 20.49 -2.45 -3.11
CA LEU A 199 20.44 -1.06 -3.55
C LEU A 199 19.01 -0.55 -3.65
N LEU A 200 18.15 -1.27 -4.38
CA LEU A 200 16.79 -0.79 -4.57
C LEU A 200 16.04 -0.70 -3.25
N CYS A 201 16.31 -1.62 -2.32
CA CYS A 201 15.65 -1.55 -1.02
C CYS A 201 16.09 -0.32 -0.23
N ASP A 202 17.40 -0.06 -0.20
CA ASP A 202 17.90 1.07 0.58
C ASP A 202 17.47 2.39 -0.02
N LEU A 203 17.40 2.46 -1.35
CA LEU A 203 16.95 3.68 -2.01
C LEU A 203 15.52 4.03 -1.63
N LEU A 204 14.74 3.08 -1.11
CA LEU A 204 13.36 3.32 -0.74
C LEU A 204 13.11 3.28 0.76
N TRP A 205 14.11 2.94 1.57
CA TRP A 205 13.85 2.64 2.97
C TRP A 205 14.79 3.32 3.95
N SER A 206 16.02 3.57 3.55
CA SER A 206 17.03 4.05 4.47
C SER A 206 16.69 5.47 4.95
N ASP A 207 17.25 5.83 6.09
CA ASP A 207 17.06 7.12 6.74
C ASP A 207 18.41 7.72 7.11
N PRO A 208 18.48 9.03 7.29
CA PRO A 208 19.64 9.62 7.94
C PRO A 208 19.49 9.60 9.45
N ASP A 209 20.63 9.73 10.13
CA ASP A 209 20.63 9.75 11.59
C ASP A 209 21.78 10.63 12.05
N LYS A 210 21.47 11.54 12.96
CA LYS A 210 22.51 12.37 13.56
C LYS A 210 23.49 11.51 14.37
N ASP A 211 22.97 10.47 15.02
CA ASP A 211 23.77 9.68 15.95
C ASP A 211 24.77 8.77 15.22
N VAL A 212 24.37 8.11 14.13
CA VAL A 212 25.26 7.13 13.51
C VAL A 212 26.45 7.79 12.85
N GLN A 213 27.64 7.21 13.07
CA GLN A 213 28.87 7.64 12.42
C GLN A 213 29.09 6.78 11.16
N GLY A 214 28.35 7.13 10.11
CA GLY A 214 28.50 6.46 8.83
C GLY A 214 27.33 5.55 8.54
N TRP A 215 27.49 4.24 8.54
CA TRP A 215 26.34 3.35 8.36
C TRP A 215 25.96 2.70 9.68
N GLY A 216 24.66 2.69 9.95
CA GLY A 216 24.11 2.05 11.12
C GLY A 216 22.92 1.20 10.73
N GLU A 217 22.35 0.57 11.74
CA GLU A 217 21.18 -0.26 11.52
C GLU A 217 19.93 0.60 11.66
N ASN A 218 18.85 0.19 11.00
CA ASN A 218 17.64 0.99 10.91
C ASN A 218 16.61 0.44 11.89
N ASP A 219 16.02 1.33 12.70
CA ASP A 219 14.99 0.91 13.64
C ASP A 219 13.72 0.43 12.95
N ARG A 220 13.61 0.62 11.63
CA ARG A 220 12.45 0.10 10.90
C ARG A 220 12.49 -1.41 10.75
N GLY A 221 13.66 -2.02 10.90
CA GLY A 221 13.85 -3.44 10.66
C GLY A 221 14.27 -3.78 9.25
N VAL A 222 14.50 -2.79 8.41
CA VAL A 222 14.91 -2.99 7.02
C VAL A 222 15.92 -1.90 6.70
N SER A 223 16.85 -2.22 5.80
CA SER A 223 17.80 -1.24 5.23
C SER A 223 18.70 -0.71 6.34
N PHE A 224 19.19 0.52 6.19
CA PHE A 224 20.17 1.06 7.12
C PHE A 224 19.83 2.50 7.47
N THR A 225 20.73 3.09 8.24
CA THR A 225 20.76 4.52 8.49
C THR A 225 22.15 5.01 8.13
N PHE A 226 22.20 6.20 7.55
CA PHE A 226 23.47 6.83 7.20
C PHE A 226 23.55 8.15 7.95
N GLY A 227 24.77 8.62 8.17
CA GLY A 227 24.99 9.85 8.88
C GLY A 227 25.40 10.99 7.95
N ALA A 228 25.80 12.09 8.58
CA ALA A 228 26.14 13.29 7.83
C ALA A 228 27.35 13.04 6.96
N GLU A 229 28.29 12.23 7.45
CA GLU A 229 29.51 11.96 6.71
C GLU A 229 29.21 11.21 5.41
N VAL A 230 28.36 10.17 5.50
CA VAL A 230 27.86 9.50 4.30
C VAL A 230 27.33 10.51 3.29
N VAL A 231 26.48 11.43 3.75
CA VAL A 231 25.92 12.45 2.84
C VAL A 231 27.04 13.24 2.19
N ALA A 232 28.03 13.65 2.98
CA ALA A 232 29.06 14.55 2.45
C ALA A 232 29.91 13.83 1.42
N LYS A 233 30.31 12.59 1.70
CA LYS A 233 31.09 11.84 0.73
C LYS A 233 30.28 11.59 -0.55
N PHE A 234 28.98 11.34 -0.40
CA PHE A 234 28.15 11.06 -1.57
C PHE A 234 28.05 12.26 -2.50
N LEU A 235 27.84 13.45 -1.93
CA LEU A 235 27.72 14.64 -2.77
C LEU A 235 29.03 14.99 -3.43
N HIS A 236 30.16 14.76 -2.76
CA HIS A 236 31.45 15.09 -3.36
C HIS A 236 31.82 14.11 -4.46
N LYS A 237 31.53 12.82 -4.26
CA LYS A 237 31.90 11.81 -5.24
C LYS A 237 31.16 11.99 -6.56
N HIS A 238 29.91 12.45 -6.51
CA HIS A 238 29.04 12.55 -7.68
C HIS A 238 28.81 13.99 -8.11
N ASP A 239 29.54 14.95 -7.54
CA ASP A 239 29.43 16.36 -7.90
C ASP A 239 27.97 16.83 -7.81
N LEU A 240 27.41 16.64 -6.62
CA LEU A 240 26.05 17.06 -6.34
C LEU A 240 26.08 18.09 -5.24
N ASP A 241 24.96 18.80 -5.10
CA ASP A 241 24.82 19.86 -4.10
C ASP A 241 23.87 19.49 -2.98
N LEU A 242 22.95 18.56 -3.21
CA LEU A 242 21.89 18.33 -2.26
C LEU A 242 21.26 16.97 -2.53
N ILE A 243 20.87 16.30 -1.44
CA ILE A 243 20.01 15.13 -1.50
C ILE A 243 18.64 15.55 -1.02
N CYS A 244 17.62 15.30 -1.85
CA CYS A 244 16.25 15.66 -1.54
C CYS A 244 15.48 14.36 -1.40
N ARG A 245 14.93 14.14 -0.21
CA ARG A 245 14.40 12.85 0.17
C ARG A 245 13.12 13.07 0.97
N ALA A 246 12.37 12.00 1.18
CA ALA A 246 11.15 12.06 1.96
C ALA A 246 11.17 11.01 3.08
N HIS A 247 10.07 10.25 3.21
CA HIS A 247 10.02 9.00 3.95
C HIS A 247 9.83 9.14 5.46
N GLN A 248 10.17 10.28 6.05
CA GLN A 248 10.02 10.47 7.49
C GLN A 248 9.13 11.67 7.79
N VAL A 249 8.25 11.52 8.79
CA VAL A 249 7.45 12.64 9.23
C VAL A 249 8.37 13.65 9.90
N VAL A 250 8.28 14.90 9.49
CA VAL A 250 9.02 15.98 10.11
C VAL A 250 8.07 17.08 10.53
N GLU A 251 8.45 17.80 11.58
CA GLU A 251 7.57 18.79 12.19
C GLU A 251 7.08 19.83 11.19
N ASP A 252 8.02 20.51 10.52
CA ASP A 252 7.68 21.63 9.67
C ASP A 252 7.46 21.24 8.21
N GLY A 253 7.24 19.96 7.93
CA GLY A 253 7.06 19.48 6.58
C GLY A 253 8.38 19.35 5.85
N TYR A 254 9.36 20.14 6.27
CA TYR A 254 10.72 20.09 5.75
C TYR A 254 11.68 20.06 6.95
N GLU A 255 12.86 19.52 6.72
CA GLU A 255 13.89 19.50 7.76
C GLU A 255 15.24 19.27 7.11
N PHE A 256 16.22 20.10 7.48
CA PHE A 256 17.55 19.95 6.90
C PHE A 256 18.40 19.02 7.75
N PHE A 257 19.47 18.53 7.12
CA PHE A 257 20.37 17.57 7.74
C PHE A 257 21.74 17.78 7.11
N ALA A 258 22.78 17.65 7.94
CA ALA A 258 24.17 17.79 7.50
C ALA A 258 24.44 19.14 6.82
N LYS A 259 24.14 20.22 7.54
CA LYS A 259 24.41 21.59 7.07
C LYS A 259 23.77 21.86 5.72
N ARG A 260 22.48 21.53 5.61
CA ARG A 260 21.64 21.75 4.42
C ARG A 260 22.14 20.97 3.21
N GLN A 261 22.87 19.86 3.44
CA GLN A 261 23.26 19.00 2.33
C GLN A 261 22.22 17.93 2.05
N LEU A 262 21.33 17.67 3.00
CA LEU A 262 20.15 16.84 2.82
C LEU A 262 18.93 17.58 3.32
N VAL A 263 17.78 17.32 2.71
CA VAL A 263 16.52 17.87 3.16
C VAL A 263 15.50 16.73 3.16
N THR A 264 14.66 16.68 4.19
CA THR A 264 13.58 15.72 4.25
C THR A 264 12.27 16.44 3.95
N LEU A 265 11.48 15.90 3.04
CA LEU A 265 10.19 16.48 2.70
C LEU A 265 9.05 15.54 3.10
N PHE A 266 7.99 16.14 3.62
CA PHE A 266 6.82 15.40 4.05
C PHE A 266 5.60 16.27 3.74
N SER A 267 4.70 15.76 2.91
CA SER A 267 3.61 16.59 2.38
C SER A 267 2.25 16.13 2.92
N ALA A 268 2.25 15.38 4.03
CA ALA A 268 1.00 14.94 4.64
C ALA A 268 0.83 15.59 6.00
N PRO A 269 0.04 16.66 6.11
CA PRO A 269 -0.16 17.31 7.42
C PRO A 269 -0.95 16.41 8.36
N ASN A 270 -0.59 16.45 9.63
CA ASN A 270 -1.19 15.62 10.68
C ASN A 270 -1.28 14.15 10.27
N TYR A 271 -0.12 13.55 10.01
CA TYR A 271 -0.11 12.13 9.69
C TYR A 271 -0.68 11.39 10.90
N CYS A 272 -1.64 10.48 10.66
CA CYS A 272 -2.32 9.75 11.73
C CYS A 272 -3.14 10.69 12.63
N GLY A 273 -2.70 11.94 12.77
CA GLY A 273 -3.34 12.92 13.62
C GLY A 273 -2.81 12.97 15.03
N GLU A 274 -1.69 12.27 15.29
CA GLU A 274 -1.05 12.25 16.60
C GLU A 274 0.29 12.98 16.66
N PHE A 275 0.98 13.16 15.53
CA PHE A 275 2.21 13.93 15.52
C PHE A 275 1.97 15.43 15.39
N ASP A 276 1.02 15.82 14.55
CA ASP A 276 0.54 17.18 14.35
C ASP A 276 1.68 17.95 13.71
N ASN A 277 2.00 17.55 12.49
CA ASN A 277 3.05 18.03 11.62
C ASN A 277 2.45 18.89 10.51
N ALA A 278 3.28 19.71 9.89
CA ALA A 278 2.83 20.44 8.72
C ALA A 278 3.29 19.69 7.48
N GLY A 279 2.75 20.08 6.34
CA GLY A 279 3.19 19.57 5.05
C GLY A 279 4.00 20.62 4.34
N ALA A 280 5.04 20.19 3.65
CA ALA A 280 5.83 21.12 2.87
C ALA A 280 5.88 20.67 1.41
N MET A 281 6.53 21.50 0.63
CA MET A 281 6.64 21.36 -0.82
C MET A 281 7.80 22.27 -1.17
N MET A 282 8.80 21.73 -1.84
CA MET A 282 9.99 22.48 -2.20
C MET A 282 9.86 22.94 -3.64
N SER A 283 10.04 24.24 -3.85
CA SER A 283 9.96 24.82 -5.18
C SER A 283 11.37 25.19 -5.63
N VAL A 284 11.74 24.72 -6.81
CA VAL A 284 13.02 24.97 -7.44
C VAL A 284 12.76 25.83 -8.67
N ASP A 285 13.56 26.87 -8.85
CA ASP A 285 13.37 27.75 -10.01
C ASP A 285 14.50 27.52 -11.01
N GLU A 286 14.44 28.26 -12.12
CA GLU A 286 15.30 27.94 -13.26
C GLU A 286 16.78 28.02 -12.89
N THR A 287 17.13 28.86 -11.92
CA THR A 287 18.51 29.00 -11.52
C THR A 287 18.82 28.10 -10.34
N LEU A 288 17.96 27.11 -10.11
CA LEU A 288 18.16 26.09 -9.11
C LEU A 288 18.18 26.66 -7.69
N MET A 289 17.29 27.63 -7.41
CA MET A 289 17.18 28.16 -6.06
C MET A 289 15.92 27.58 -5.43
N CYS A 290 16.03 27.18 -4.17
CA CYS A 290 14.98 26.44 -3.47
C CYS A 290 14.26 27.26 -2.40
N SER A 291 12.94 27.25 -2.50
CA SER A 291 11.99 27.87 -1.58
C SER A 291 10.94 26.87 -1.14
N PHE A 292 10.49 26.98 0.11
CA PHE A 292 9.57 26.03 0.75
C PHE A 292 8.22 26.68 1.02
N GLN A 293 7.16 26.09 0.46
CA GLN A 293 5.80 26.52 0.76
C GLN A 293 5.25 25.48 1.72
N ILE A 294 4.53 25.95 2.74
CA ILE A 294 4.10 25.10 3.83
C ILE A 294 2.58 24.99 3.93
N LEU A 295 2.09 23.76 4.07
CA LEU A 295 0.68 23.42 4.21
C LEU A 295 0.44 23.06 5.67
N LYS A 296 -0.20 23.97 6.38
CA LYS A 296 -0.44 23.73 7.80
C LYS A 296 -1.61 22.77 7.90
N PRO A 297 -1.66 21.96 8.95
CA PRO A 297 -2.78 21.01 9.07
C PRO A 297 -4.10 21.75 9.17
N ALA A 298 -5.05 21.36 8.32
CA ALA A 298 -6.39 21.94 8.38
C ALA A 298 -7.05 21.66 9.72
N ASP A 299 -6.77 20.50 10.31
CA ASP A 299 -7.29 20.14 11.63
C ASP A 299 -6.52 18.98 12.23
N GLU B 29 -31.19 8.79 10.50
CA GLU B 29 -30.99 7.35 10.60
C GLU B 29 -29.53 6.98 10.30
N ASP B 30 -28.87 7.84 9.53
CA ASP B 30 -27.46 7.67 9.17
C ASP B 30 -26.73 8.91 9.64
N VAL B 31 -25.63 8.70 10.35
CA VAL B 31 -24.83 9.80 10.88
C VAL B 31 -23.39 9.58 10.50
N ASP B 32 -22.75 10.61 9.98
CA ASP B 32 -21.42 10.49 9.41
C ASP B 32 -20.63 11.62 10.04
N LEU B 33 -19.69 11.27 10.91
CA LEU B 33 -18.77 12.24 11.47
C LEU B 33 -17.37 11.80 11.09
N ASN B 34 -17.12 11.58 9.80
CA ASN B 34 -15.78 11.20 9.39
C ASN B 34 -14.83 12.39 9.42
N HIS B 35 -13.72 12.22 10.12
CA HIS B 35 -12.69 13.24 10.27
C HIS B 35 -13.25 14.52 10.85
N TYR B 36 -13.74 14.43 12.09
CA TYR B 36 -14.28 15.60 12.78
C TYR B 36 -13.56 15.83 14.10
N ARG B 37 -12.39 15.22 14.28
CA ARG B 37 -11.50 15.51 15.39
C ARG B 37 -12.11 15.24 16.78
N ILE B 38 -13.38 14.82 16.83
CA ILE B 38 -14.07 14.61 18.11
C ILE B 38 -13.22 13.67 18.94
N GLY B 39 -12.96 14.04 20.20
CA GLY B 39 -12.09 13.22 21.00
C GLY B 39 -12.73 12.32 22.02
N LYS B 40 -14.05 12.36 22.13
CA LYS B 40 -14.77 11.55 23.08
C LYS B 40 -16.18 11.41 22.55
N ILE B 41 -16.76 10.23 22.74
CA ILE B 41 -18.12 9.98 22.28
C ILE B 41 -19.03 10.54 23.37
N GLU B 42 -19.65 11.68 23.10
CA GLU B 42 -20.49 12.38 24.06
C GLU B 42 -21.76 12.86 23.38
N GLY B 43 -22.88 12.60 24.04
CA GLY B 43 -24.15 13.20 23.68
C GLY B 43 -24.79 12.64 22.44
N PHE B 44 -24.63 11.34 22.19
CA PHE B 44 -25.25 10.67 21.06
C PHE B 44 -26.62 10.10 21.43
N GLU B 45 -27.10 10.39 22.64
CA GLU B 45 -28.41 9.91 23.07
C GLU B 45 -29.55 10.60 22.33
N VAL B 46 -29.28 11.78 21.75
CA VAL B 46 -30.28 12.52 21.00
C VAL B 46 -30.77 11.74 19.79
N LEU B 47 -29.93 10.88 19.22
CA LEU B 47 -30.34 10.05 18.09
C LEU B 47 -31.32 8.99 18.53
N LYS B 48 -32.53 9.05 17.96
CA LYS B 48 -33.57 8.08 18.31
C LYS B 48 -33.37 6.77 17.55
N LYS B 49 -33.49 6.82 16.22
CA LYS B 49 -33.34 5.60 15.44
C LYS B 49 -32.15 5.63 14.49
N VAL B 50 -30.97 5.99 15.01
CA VAL B 50 -29.76 5.94 14.20
C VAL B 50 -29.48 4.48 13.82
N LYS B 51 -29.14 4.25 12.56
CA LYS B 51 -28.83 2.90 12.09
C LYS B 51 -27.38 2.71 11.67
N THR B 52 -26.72 3.75 11.17
CA THR B 52 -25.31 3.70 10.82
C THR B 52 -24.61 4.93 11.39
N LEU B 53 -23.60 4.69 12.23
CA LEU B 53 -22.79 5.73 12.84
C LEU B 53 -21.36 5.60 12.34
N CYS B 54 -20.81 6.68 11.78
CA CYS B 54 -19.46 6.67 11.22
C CYS B 54 -18.64 7.64 12.05
N LEU B 55 -17.58 7.14 12.67
CA LEU B 55 -16.76 7.96 13.54
C LEU B 55 -15.28 7.76 13.22
N ARG B 56 -14.95 7.62 11.94
CA ARG B 56 -13.56 7.35 11.58
C ARG B 56 -12.73 8.61 11.77
N GLN B 57 -11.43 8.40 11.95
CA GLN B 57 -10.46 9.49 12.06
C GLN B 57 -11.00 10.63 12.91
N ASN B 58 -11.45 10.28 14.11
CA ASN B 58 -11.83 11.29 15.07
C ASN B 58 -10.89 11.44 16.26
N LEU B 59 -9.86 10.63 16.38
CA LEU B 59 -8.96 10.65 17.52
C LEU B 59 -9.62 10.13 18.80
N ILE B 60 -10.64 9.30 18.66
CA ILE B 60 -11.34 8.73 19.81
C ILE B 60 -10.34 7.94 20.64
N LYS B 61 -10.41 8.09 21.97
CA LYS B 61 -9.55 7.32 22.85
C LYS B 61 -10.27 6.25 23.65
N CYS B 62 -11.60 6.25 23.70
CA CYS B 62 -12.30 5.19 24.40
C CYS B 62 -13.69 5.03 23.83
N ILE B 63 -14.26 3.84 23.98
CA ILE B 63 -15.63 3.60 23.56
C ILE B 63 -16.50 3.84 24.78
N GLU B 64 -17.51 4.69 24.64
CA GLU B 64 -18.38 5.02 25.75
C GLU B 64 -19.60 5.75 25.23
N ASN B 65 -20.59 5.90 26.10
CA ASN B 65 -21.78 6.71 25.82
C ASN B 65 -22.42 6.31 24.50
N LEU B 66 -22.60 5.00 24.33
CA LEU B 66 -23.27 4.46 23.15
C LEU B 66 -24.42 3.55 23.52
N GLU B 67 -24.68 3.33 24.82
CA GLU B 67 -25.68 2.36 25.26
C GLU B 67 -27.10 2.77 24.89
N GLU B 68 -27.30 4.00 24.41
CA GLU B 68 -28.63 4.49 24.08
C GLU B 68 -29.00 4.22 22.64
N LEU B 69 -28.01 4.20 21.74
CA LEU B 69 -28.23 4.00 20.31
C LEU B 69 -28.51 2.51 20.12
N GLN B 70 -29.73 2.11 20.47
CA GLN B 70 -30.06 0.69 20.48
C GLN B 70 -30.59 0.18 19.16
N SER B 71 -30.60 1.01 18.12
CA SER B 71 -31.05 0.63 16.79
C SER B 71 -29.90 0.49 15.78
N LEU B 72 -28.65 0.51 16.24
CA LEU B 72 -27.53 0.55 15.32
C LEU B 72 -27.25 -0.81 14.74
N ARG B 73 -27.13 -0.88 13.41
CA ARG B 73 -26.58 -2.04 12.73
C ARG B 73 -25.08 -1.90 12.43
N GLU B 74 -24.61 -0.70 12.09
CA GLU B 74 -23.22 -0.52 11.68
C GLU B 74 -22.57 0.53 12.58
N LEU B 75 -21.35 0.22 13.05
CA LEU B 75 -20.54 1.19 13.76
C LEU B 75 -19.13 1.18 13.17
N ASP B 76 -18.59 2.36 12.86
CA ASP B 76 -17.34 2.47 12.14
C ASP B 76 -16.43 3.36 12.95
N LEU B 77 -15.36 2.80 13.51
CA LEU B 77 -14.35 3.52 14.26
C LEU B 77 -12.97 3.31 13.64
N TYR B 78 -12.92 3.34 12.31
CA TYR B 78 -11.67 3.17 11.59
C TYR B 78 -10.71 4.32 11.90
N ASP B 79 -9.48 3.98 12.27
CA ASP B 79 -8.40 4.92 12.54
C ASP B 79 -8.74 5.88 13.69
N ASN B 80 -8.67 5.39 14.92
CA ASN B 80 -8.73 6.22 16.12
C ASN B 80 -7.63 5.75 17.08
N GLN B 81 -7.83 5.93 18.38
CA GLN B 81 -6.87 5.46 19.39
C GLN B 81 -7.53 4.61 20.45
N ILE B 82 -8.60 3.91 20.08
CA ILE B 82 -9.23 2.97 21.01
C ILE B 82 -8.22 1.89 21.35
N LYS B 83 -8.06 1.59 22.64
CA LYS B 83 -7.10 0.58 23.08
C LYS B 83 -7.76 -0.68 23.63
N LYS B 84 -9.07 -0.72 23.72
CA LYS B 84 -9.76 -1.90 24.20
C LYS B 84 -11.21 -1.83 23.76
N ILE B 85 -11.78 -2.97 23.41
CA ILE B 85 -13.17 -3.04 23.00
C ILE B 85 -14.02 -3.21 24.25
N GLU B 86 -15.03 -2.36 24.39
CA GLU B 86 -15.86 -2.36 25.58
C GLU B 86 -17.13 -1.57 25.28
N ASN B 87 -18.06 -1.60 26.23
CA ASN B 87 -19.25 -0.76 26.21
C ASN B 87 -20.05 -0.92 24.93
N LEU B 88 -19.89 -2.07 24.26
CA LEU B 88 -20.63 -2.38 23.05
C LEU B 88 -21.73 -3.39 23.31
N GLU B 89 -21.84 -3.91 24.54
CA GLU B 89 -22.73 -5.01 24.85
C GLU B 89 -24.19 -4.65 24.54
N ALA B 90 -24.50 -3.37 24.55
CA ALA B 90 -25.87 -2.93 24.32
C ALA B 90 -26.30 -3.21 22.89
N LEU B 91 -25.44 -2.89 21.92
CA LEU B 91 -25.81 -2.83 20.51
C LEU B 91 -25.90 -4.26 19.97
N THR B 92 -27.05 -4.88 20.18
CA THR B 92 -27.24 -6.26 19.75
C THR B 92 -27.81 -6.36 18.34
N GLU B 93 -28.18 -5.23 17.74
CA GLU B 93 -28.55 -5.19 16.33
C GLU B 93 -27.38 -4.92 15.42
N LEU B 94 -26.18 -4.78 15.98
CA LEU B 94 -24.98 -4.53 15.20
C LEU B 94 -24.68 -5.65 14.22
N GLU B 95 -24.55 -5.30 12.93
CA GLU B 95 -24.23 -6.25 11.88
C GLU B 95 -22.86 -6.03 11.26
N ILE B 96 -22.34 -4.81 11.33
CA ILE B 96 -21.02 -4.46 10.77
C ILE B 96 -20.31 -3.63 11.83
N LEU B 97 -19.12 -4.08 12.23
CA LEU B 97 -18.30 -3.40 13.22
C LEU B 97 -16.89 -3.29 12.67
N ASP B 98 -16.33 -2.09 12.70
CA ASP B 98 -15.00 -1.82 12.16
C ASP B 98 -14.22 -1.01 13.19
N ILE B 99 -13.23 -1.65 13.82
CA ILE B 99 -12.33 -0.93 14.73
C ILE B 99 -10.90 -1.08 14.22
N SER B 100 -10.68 -0.73 12.95
CA SER B 100 -9.37 -0.90 12.34
C SER B 100 -8.47 0.31 12.65
N PHE B 101 -7.17 0.08 12.53
CA PHE B 101 -6.15 1.12 12.71
C PHE B 101 -6.36 1.85 14.05
N ASN B 102 -6.51 1.05 15.10
CA ASN B 102 -6.52 1.55 16.47
C ASN B 102 -5.32 0.92 17.17
N LEU B 103 -5.37 0.86 18.51
CA LEU B 103 -4.28 0.22 19.24
C LEU B 103 -4.84 -0.93 20.07
N LEU B 104 -5.66 -1.77 19.45
CA LEU B 104 -6.19 -2.93 20.14
C LEU B 104 -5.10 -3.98 20.30
N ARG B 105 -5.11 -4.69 21.42
CA ARG B 105 -4.17 -5.77 21.67
C ARG B 105 -4.83 -7.11 21.91
N ASN B 106 -6.12 -7.13 22.26
CA ASN B 106 -6.87 -8.35 22.50
C ASN B 106 -8.25 -8.20 21.91
N ILE B 107 -8.89 -9.33 21.64
CA ILE B 107 -10.25 -9.35 21.14
C ILE B 107 -11.17 -9.68 22.30
N GLU B 108 -12.18 -8.83 22.52
CA GLU B 108 -13.12 -8.97 23.62
C GLU B 108 -14.32 -8.07 23.32
N GLY B 109 -15.30 -8.11 24.22
CA GLY B 109 -16.41 -7.19 24.17
C GLY B 109 -17.27 -7.32 22.93
N VAL B 110 -17.20 -8.44 22.23
CA VAL B 110 -18.03 -8.71 21.07
C VAL B 110 -18.97 -9.88 21.28
N ASP B 111 -18.88 -10.57 22.43
CA ASP B 111 -19.64 -11.79 22.67
C ASP B 111 -21.16 -11.58 22.61
N LYS B 112 -21.62 -10.33 22.65
CA LYS B 112 -23.05 -10.07 22.67
C LYS B 112 -23.58 -9.64 21.31
N LEU B 113 -22.72 -9.38 20.33
CA LEU B 113 -23.18 -8.89 19.03
C LEU B 113 -23.35 -10.08 18.09
N THR B 114 -24.39 -10.85 18.38
CA THR B 114 -24.54 -12.16 17.75
C THR B 114 -24.87 -12.05 16.27
N ARG B 115 -25.47 -10.94 15.86
CA ARG B 115 -25.88 -10.69 14.49
C ARG B 115 -24.81 -10.00 13.66
N LEU B 116 -23.57 -9.98 14.15
CA LEU B 116 -22.45 -9.41 13.39
C LEU B 116 -22.21 -10.22 12.12
N LYS B 117 -22.20 -9.55 10.97
CA LYS B 117 -21.91 -10.22 9.72
C LYS B 117 -20.50 -9.94 9.22
N LYS B 118 -20.03 -8.70 9.33
CA LYS B 118 -18.64 -8.37 8.99
C LYS B 118 -17.99 -7.71 10.20
N LEU B 119 -16.74 -8.09 10.46
CA LEU B 119 -15.97 -7.54 11.56
C LEU B 119 -14.55 -7.27 11.09
N PHE B 120 -14.15 -5.99 11.09
CA PHE B 120 -12.84 -5.53 10.67
C PHE B 120 -12.02 -5.13 11.88
N LEU B 121 -10.88 -5.79 12.09
CA LEU B 121 -9.89 -5.38 13.09
C LEU B 121 -8.51 -5.22 12.45
N VAL B 122 -8.44 -4.47 11.35
CA VAL B 122 -7.21 -4.37 10.56
C VAL B 122 -6.19 -3.48 11.27
N ASN B 123 -4.93 -3.91 11.27
CA ASN B 123 -3.81 -3.10 11.72
C ASN B 123 -4.04 -2.63 13.16
N ASN B 124 -4.04 -3.62 14.05
CA ASN B 124 -4.00 -3.37 15.48
C ASN B 124 -2.78 -4.07 16.05
N LYS B 125 -2.82 -4.45 17.33
CA LYS B 125 -1.73 -5.18 17.95
C LYS B 125 -2.20 -6.53 18.49
N ILE B 126 -3.22 -7.11 17.86
CA ILE B 126 -3.80 -8.37 18.30
C ILE B 126 -2.79 -9.50 18.12
N SER B 127 -2.69 -10.38 19.13
CA SER B 127 -1.71 -11.46 19.15
C SER B 127 -2.35 -12.84 19.14
N LYS B 128 -3.65 -12.94 19.37
CA LYS B 128 -4.31 -14.24 19.48
C LYS B 128 -5.76 -14.10 19.04
N ILE B 129 -6.27 -15.14 18.41
CA ILE B 129 -7.67 -15.15 17.98
C ILE B 129 -8.45 -15.78 19.12
N GLU B 130 -9.30 -14.99 19.77
CA GLU B 130 -10.14 -15.48 20.84
C GLU B 130 -11.44 -14.69 20.86
N ASN B 131 -12.38 -15.12 21.70
CA ASN B 131 -13.54 -14.33 22.07
C ASN B 131 -14.44 -14.01 20.89
N LEU B 132 -14.39 -14.81 19.82
CA LEU B 132 -15.29 -14.67 18.69
C LEU B 132 -16.23 -15.86 18.59
N SER B 133 -16.29 -16.67 19.65
CA SER B 133 -17.02 -17.93 19.60
C SER B 133 -18.51 -17.74 19.39
N ASN B 134 -19.04 -16.56 19.69
CA ASN B 134 -20.48 -16.33 19.70
C ASN B 134 -21.00 -15.66 18.44
N LEU B 135 -20.16 -15.46 17.42
CA LEU B 135 -20.58 -14.74 16.23
C LEU B 135 -20.88 -15.72 15.10
N HIS B 136 -21.94 -16.51 15.29
CA HIS B 136 -22.21 -17.62 14.38
C HIS B 136 -22.61 -17.16 12.99
N GLN B 137 -23.16 -15.96 12.84
CA GLN B 137 -23.59 -15.47 11.54
C GLN B 137 -22.51 -14.65 10.84
N LEU B 138 -21.31 -14.58 11.42
CA LEU B 138 -20.22 -13.80 10.86
C LEU B 138 -19.85 -14.31 9.48
N GLN B 139 -19.98 -13.45 8.47
CA GLN B 139 -19.66 -13.81 7.09
C GLN B 139 -18.25 -13.42 6.68
N MET B 140 -17.67 -12.40 7.30
CA MET B 140 -16.32 -11.99 6.94
C MET B 140 -15.57 -11.56 8.18
N LEU B 141 -14.39 -12.15 8.39
CA LEU B 141 -13.51 -11.77 9.49
C LEU B 141 -12.22 -11.25 8.87
N GLU B 142 -11.84 -10.04 9.23
CA GLU B 142 -10.66 -9.38 8.68
C GLU B 142 -9.71 -9.07 9.83
N LEU B 143 -8.61 -9.80 9.91
CA LEU B 143 -7.57 -9.63 10.93
C LEU B 143 -6.20 -9.38 10.31
N GLY B 144 -6.17 -8.67 9.20
CA GLY B 144 -4.92 -8.39 8.53
C GLY B 144 -4.08 -7.39 9.31
N SER B 145 -2.76 -7.53 9.15
CA SER B 145 -1.76 -6.63 9.75
C SER B 145 -1.88 -6.61 11.28
N ASN B 146 -1.53 -7.75 11.86
CA ASN B 146 -1.52 -7.91 13.31
C ASN B 146 -0.28 -8.72 13.68
N ARG B 147 -0.33 -9.36 14.85
CA ARG B 147 0.76 -10.17 15.36
C ARG B 147 0.28 -11.57 15.70
N ILE B 148 -0.75 -12.05 15.00
CA ILE B 148 -1.27 -13.38 15.25
C ILE B 148 -0.22 -14.41 14.84
N ARG B 149 -0.09 -15.48 15.63
CA ARG B 149 0.91 -16.49 15.38
C ARG B 149 0.34 -17.86 15.05
N ALA B 150 -0.96 -18.07 15.19
CA ALA B 150 -1.57 -19.36 14.90
C ALA B 150 -3.05 -19.14 14.61
N ILE B 151 -3.65 -20.10 13.92
CA ILE B 151 -5.08 -20.05 13.63
C ILE B 151 -5.79 -20.93 14.65
N GLU B 152 -6.68 -20.31 15.43
CA GLU B 152 -7.39 -21.00 16.49
C GLU B 152 -8.75 -20.34 16.68
N ASN B 153 -9.65 -21.05 17.36
CA ASN B 153 -10.83 -20.46 17.97
C ASN B 153 -11.76 -19.80 16.95
N ILE B 154 -11.88 -20.40 15.76
CA ILE B 154 -12.82 -19.91 14.75
C ILE B 154 -13.63 -21.09 14.25
N ASP B 155 -13.47 -22.24 14.92
CA ASP B 155 -14.30 -23.41 14.64
C ASP B 155 -15.79 -23.09 14.68
N THR B 156 -16.21 -22.12 15.50
CA THR B 156 -17.62 -21.79 15.64
C THR B 156 -18.17 -20.93 14.50
N LEU B 157 -17.30 -20.38 13.64
CA LEU B 157 -17.77 -19.43 12.63
C LEU B 157 -18.09 -20.19 11.34
N THR B 158 -19.21 -20.92 11.39
CA THR B 158 -19.58 -21.81 10.31
C THR B 158 -19.95 -21.06 9.04
N ASN B 159 -20.51 -19.85 9.19
CA ASN B 159 -21.00 -19.07 8.06
C ASN B 159 -19.94 -18.19 7.42
N LEU B 160 -18.69 -18.29 7.85
CA LEU B 160 -17.59 -17.52 7.28
C LEU B 160 -17.45 -17.77 5.78
N GLU B 161 -17.45 -16.69 5.00
CA GLU B 161 -17.21 -16.79 3.56
C GLU B 161 -15.89 -16.17 3.12
N SER B 162 -15.39 -15.19 3.86
CA SER B 162 -14.12 -14.53 3.54
C SER B 162 -13.32 -14.44 4.83
N LEU B 163 -12.11 -15.00 4.82
CA LEU B 163 -11.21 -14.95 5.97
C LEU B 163 -9.91 -14.28 5.54
N PHE B 164 -9.59 -13.17 6.18
CA PHE B 164 -8.42 -12.36 5.84
C PHE B 164 -7.44 -12.37 7.01
N LEU B 165 -6.30 -13.03 6.82
CA LEU B 165 -5.26 -13.10 7.84
C LEU B 165 -3.89 -12.68 7.30
N GLY B 166 -3.85 -11.91 6.21
CA GLY B 166 -2.59 -11.49 5.66
C GLY B 166 -1.81 -10.59 6.60
N LYS B 167 -0.49 -10.58 6.41
CA LYS B 167 0.43 -9.78 7.21
C LYS B 167 0.32 -10.12 8.70
N ASN B 168 0.70 -11.36 9.02
CA ASN B 168 0.71 -11.85 10.39
C ASN B 168 1.96 -12.69 10.57
N LYS B 169 2.02 -13.45 11.66
CA LYS B 169 3.16 -14.32 11.92
C LYS B 169 2.75 -15.79 11.97
N ILE B 170 1.67 -16.14 11.28
CA ILE B 170 1.20 -17.52 11.26
C ILE B 170 2.24 -18.42 10.57
N THR B 171 2.45 -19.60 11.15
CA THR B 171 3.50 -20.50 10.68
C THR B 171 2.98 -21.83 10.19
N LYS B 172 1.67 -22.07 10.27
CA LYS B 172 1.08 -23.32 9.81
C LYS B 172 -0.39 -23.07 9.56
N LEU B 173 -0.95 -23.67 8.51
CA LEU B 173 -2.38 -23.59 8.30
C LEU B 173 -3.05 -24.75 9.04
N GLN B 174 -3.94 -24.41 9.97
CA GLN B 174 -4.60 -25.41 10.78
C GLN B 174 -5.96 -24.88 11.17
N ASN B 175 -6.68 -25.67 11.94
CA ASN B 175 -8.02 -25.43 12.42
C ASN B 175 -8.94 -24.65 11.48
N LEU B 176 -8.93 -25.01 10.20
CA LEU B 176 -9.81 -24.39 9.21
C LEU B 176 -10.98 -25.29 8.85
N ASP B 177 -11.03 -26.48 9.46
CA ASP B 177 -11.90 -27.57 9.01
C ASP B 177 -13.39 -27.26 9.15
N ALA B 178 -13.75 -26.27 9.96
CA ALA B 178 -15.16 -25.98 10.18
C ALA B 178 -15.74 -25.04 9.15
N LEU B 179 -14.89 -24.27 8.45
CA LEU B 179 -15.37 -23.18 7.58
C LEU B 179 -15.73 -23.71 6.20
N THR B 180 -16.74 -24.58 6.16
CA THR B 180 -17.08 -25.25 4.91
C THR B 180 -17.69 -24.30 3.89
N ASN B 181 -18.17 -23.13 4.33
CA ASN B 181 -18.72 -22.13 3.43
C ASN B 181 -17.69 -21.11 2.96
N LEU B 182 -16.45 -21.23 3.42
CA LEU B 182 -15.42 -20.26 3.07
C LEU B 182 -15.10 -20.32 1.59
N THR B 183 -15.10 -19.17 0.93
CA THR B 183 -14.82 -19.08 -0.50
C THR B 183 -13.59 -18.28 -0.83
N VAL B 184 -13.08 -17.47 0.11
CA VAL B 184 -11.89 -16.65 -0.10
C VAL B 184 -11.02 -16.76 1.15
N LEU B 185 -9.78 -17.20 0.97
CA LEU B 185 -8.82 -17.31 2.05
C LEU B 185 -7.58 -16.50 1.65
N SER B 186 -7.32 -15.44 2.40
CA SER B 186 -6.18 -14.57 2.15
C SER B 186 -5.16 -14.81 3.28
N MET B 187 -3.99 -15.32 2.92
CA MET B 187 -2.96 -15.69 3.87
C MET B 187 -1.61 -15.18 3.40
N GLN B 188 -1.59 -14.11 2.61
CA GLN B 188 -0.36 -13.59 2.09
C GLN B 188 0.50 -13.00 3.21
N SER B 189 1.79 -12.93 2.96
CA SER B 189 2.74 -12.26 3.85
C SER B 189 2.64 -12.82 5.27
N ASN B 190 2.99 -14.10 5.38
CA ASN B 190 3.03 -14.78 6.67
C ASN B 190 4.31 -15.60 6.76
N ARG B 191 4.29 -16.67 7.55
CA ARG B 191 5.47 -17.49 7.73
C ARG B 191 5.15 -18.95 7.41
N LEU B 192 4.24 -19.18 6.47
CA LEU B 192 3.91 -20.54 6.06
C LEU B 192 5.07 -21.15 5.29
N THR B 193 5.20 -22.47 5.38
CA THR B 193 6.24 -23.21 4.69
C THR B 193 5.68 -24.43 3.97
N LYS B 194 4.39 -24.72 4.12
CA LYS B 194 3.80 -25.88 3.50
C LYS B 194 2.30 -25.62 3.33
N ILE B 195 1.77 -25.97 2.16
CA ILE B 195 0.34 -25.88 1.92
C ILE B 195 -0.31 -27.14 2.45
N GLU B 196 -1.17 -26.98 3.45
CA GLU B 196 -1.80 -28.11 4.12
C GLU B 196 -3.04 -27.59 4.83
N GLY B 197 -3.88 -28.53 5.26
CA GLY B 197 -5.02 -28.18 6.09
C GLY B 197 -6.16 -27.54 5.36
N LEU B 198 -6.21 -27.68 4.03
CA LEU B 198 -7.29 -27.08 3.25
C LEU B 198 -8.27 -28.13 2.74
N GLN B 199 -8.13 -29.37 3.22
CA GLN B 199 -8.88 -30.50 2.66
C GLN B 199 -10.38 -30.29 2.74
N ASN B 200 -10.86 -29.59 3.77
CA ASN B 200 -12.29 -29.43 4.00
C ASN B 200 -12.89 -28.17 3.38
N LEU B 201 -12.07 -27.20 2.97
CA LEU B 201 -12.59 -25.97 2.37
C LEU B 201 -13.00 -26.29 0.94
N VAL B 202 -14.15 -26.99 0.82
CA VAL B 202 -14.60 -27.50 -0.47
C VAL B 202 -15.19 -26.38 -1.31
N ASN B 203 -15.71 -25.32 -0.69
CA ASN B 203 -16.24 -24.21 -1.47
C ASN B 203 -15.21 -23.11 -1.70
N LEU B 204 -13.93 -23.37 -1.37
CA LEU B 204 -12.90 -22.36 -1.55
C LEU B 204 -12.77 -21.98 -3.02
N ARG B 205 -12.79 -20.68 -3.30
CA ARG B 205 -12.74 -20.20 -4.68
C ARG B 205 -11.54 -19.31 -4.97
N GLU B 206 -11.00 -18.61 -3.96
CA GLU B 206 -9.85 -17.72 -4.13
C GLU B 206 -8.90 -18.02 -2.98
N LEU B 207 -7.66 -18.34 -3.31
CA LEU B 207 -6.64 -18.70 -2.33
C LEU B 207 -5.39 -17.88 -2.57
N TYR B 208 -5.06 -17.01 -1.62
CA TYR B 208 -3.90 -16.12 -1.73
C TYR B 208 -2.87 -16.53 -0.68
N LEU B 209 -1.70 -17.00 -1.14
CA LEU B 209 -0.59 -17.39 -0.28
C LEU B 209 0.72 -16.80 -0.76
N SER B 210 0.68 -15.60 -1.34
CA SER B 210 1.92 -15.01 -1.83
C SER B 210 2.76 -14.51 -0.65
N HIS B 211 4.07 -14.43 -0.89
CA HIS B 211 5.06 -13.97 0.09
C HIS B 211 5.04 -14.84 1.36
N ASN B 212 5.45 -16.09 1.15
CA ASN B 212 5.58 -17.09 2.20
C ASN B 212 6.83 -17.91 1.88
N GLY B 213 6.92 -19.09 2.46
CA GLY B 213 8.06 -19.95 2.24
C GLY B 213 7.69 -21.29 1.66
N ILE B 214 6.58 -21.35 0.92
CA ILE B 214 6.14 -22.60 0.34
C ILE B 214 7.12 -23.02 -0.74
N GLU B 215 7.47 -24.31 -0.75
CA GLU B 215 8.38 -24.88 -1.74
C GLU B 215 7.71 -25.84 -2.69
N VAL B 216 6.54 -26.36 -2.35
CA VAL B 216 5.86 -27.40 -3.12
C VAL B 216 4.39 -27.04 -3.21
N ILE B 217 3.83 -27.20 -4.40
CA ILE B 217 2.39 -27.06 -4.60
C ILE B 217 1.75 -28.42 -4.30
N GLU B 218 0.87 -28.46 -3.31
CA GLU B 218 0.25 -29.70 -2.87
C GLU B 218 -0.93 -29.35 -1.98
N GLY B 219 -1.64 -30.39 -1.53
CA GLY B 219 -2.72 -30.21 -0.57
C GLY B 219 -3.94 -29.50 -1.07
N LEU B 220 -4.15 -29.46 -2.40
CA LEU B 220 -5.31 -28.81 -2.98
C LEU B 220 -6.28 -29.83 -3.61
N GLU B 221 -6.24 -31.08 -3.15
CA GLU B 221 -6.97 -32.15 -3.83
C GLU B 221 -8.49 -31.95 -3.79
N ASN B 222 -9.01 -31.29 -2.77
CA ASN B 222 -10.46 -31.18 -2.57
C ASN B 222 -11.02 -29.82 -2.96
N ASN B 223 -10.19 -28.86 -3.35
CA ASN B 223 -10.59 -27.48 -3.62
C ASN B 223 -10.92 -27.28 -5.10
N ASN B 224 -11.71 -28.21 -5.66
CA ASN B 224 -12.00 -28.22 -7.09
C ASN B 224 -12.57 -26.90 -7.60
N LYS B 225 -13.30 -26.16 -6.77
CA LYS B 225 -13.94 -24.95 -7.26
C LYS B 225 -13.01 -23.74 -7.30
N LEU B 226 -11.72 -23.93 -7.05
CA LEU B 226 -10.77 -22.81 -7.11
C LEU B 226 -10.74 -22.21 -8.51
N THR B 227 -10.95 -20.91 -8.59
CA THR B 227 -10.78 -20.15 -9.82
C THR B 227 -9.60 -19.19 -9.75
N MET B 228 -9.09 -18.92 -8.55
CA MET B 228 -8.06 -17.91 -8.33
C MET B 228 -7.09 -18.48 -7.31
N LEU B 229 -5.87 -18.75 -7.74
CA LEU B 229 -4.83 -19.34 -6.90
C LEU B 229 -3.55 -18.53 -7.03
N ASP B 230 -2.98 -18.12 -5.90
CA ASP B 230 -1.86 -17.20 -5.86
C ASP B 230 -0.81 -17.75 -4.91
N ILE B 231 0.32 -18.19 -5.47
CA ILE B 231 1.42 -18.65 -4.64
C ILE B 231 2.68 -17.91 -5.06
N ALA B 232 2.52 -16.69 -5.59
CA ALA B 232 3.67 -15.94 -6.07
C ALA B 232 4.58 -15.56 -4.91
N SER B 233 5.82 -15.19 -5.25
CA SER B 233 6.80 -14.76 -4.27
C SER B 233 6.98 -15.78 -3.16
N ASN B 234 7.25 -17.02 -3.58
CA ASN B 234 7.61 -18.09 -2.66
C ASN B 234 8.91 -18.73 -3.13
N ARG B 235 9.07 -20.02 -2.86
CA ARG B 235 10.26 -20.76 -3.27
C ARG B 235 9.86 -22.06 -3.95
N ILE B 236 8.90 -21.96 -4.87
CA ILE B 236 8.35 -23.12 -5.56
C ILE B 236 9.20 -23.41 -6.79
N LYS B 237 9.58 -24.68 -6.94
CA LYS B 237 10.47 -25.08 -8.03
C LYS B 237 9.75 -25.71 -9.21
N LYS B 238 8.54 -26.21 -9.04
CA LYS B 238 7.86 -26.99 -10.06
C LYS B 238 6.36 -26.81 -9.93
N ILE B 239 5.66 -26.70 -11.06
CA ILE B 239 4.21 -26.64 -11.03
C ILE B 239 3.68 -28.07 -11.10
N GLU B 240 2.99 -28.50 -10.05
CA GLU B 240 2.45 -29.85 -9.97
C GLU B 240 1.09 -29.81 -9.28
N ASN B 241 0.36 -30.92 -9.39
CA ASN B 241 -0.76 -31.25 -8.51
C ASN B 241 -1.89 -30.22 -8.58
N ILE B 242 -2.07 -29.57 -9.74
CA ILE B 242 -3.18 -28.64 -9.92
C ILE B 242 -3.94 -28.94 -11.22
N SER B 243 -3.65 -30.10 -11.82
CA SER B 243 -4.34 -30.50 -13.05
C SER B 243 -5.83 -30.71 -12.84
N HIS B 244 -6.27 -30.97 -11.61
CA HIS B 244 -7.68 -31.12 -11.31
C HIS B 244 -8.39 -29.79 -11.15
N LEU B 245 -7.65 -28.71 -10.92
CA LEU B 245 -8.24 -27.37 -10.75
C LEU B 245 -8.68 -26.84 -12.12
N THR B 246 -9.72 -27.47 -12.66
CA THR B 246 -10.17 -27.15 -14.01
C THR B 246 -10.96 -25.86 -14.08
N GLU B 247 -11.16 -25.18 -12.96
CA GLU B 247 -11.89 -23.93 -12.94
C GLU B 247 -10.98 -22.71 -12.82
N LEU B 248 -9.66 -22.90 -12.88
CA LEU B 248 -8.75 -21.79 -12.69
C LEU B 248 -8.96 -20.72 -13.74
N GLN B 249 -9.09 -19.48 -13.27
CA GLN B 249 -9.16 -18.31 -14.12
C GLN B 249 -7.93 -17.43 -13.99
N GLU B 250 -7.31 -17.39 -12.81
CA GLU B 250 -6.10 -16.64 -12.56
C GLU B 250 -5.10 -17.50 -11.81
N PHE B 251 -3.87 -17.55 -12.31
CA PHE B 251 -2.78 -18.28 -11.67
C PHE B 251 -1.63 -17.30 -11.49
N TRP B 252 -1.38 -16.87 -10.27
CA TRP B 252 -0.33 -15.90 -9.99
C TRP B 252 0.87 -16.65 -9.42
N MET B 253 1.99 -16.66 -10.16
CA MET B 253 3.14 -17.42 -9.73
C MET B 253 4.46 -16.69 -10.02
N ASN B 254 4.42 -15.36 -10.15
CA ASN B 254 5.63 -14.59 -10.35
C ASN B 254 6.57 -14.79 -9.16
N ASP B 255 7.86 -14.52 -9.39
CA ASP B 255 8.86 -14.48 -8.32
C ASP B 255 8.95 -15.82 -7.59
N ASN B 256 9.15 -16.87 -8.37
CA ASN B 256 9.38 -18.20 -7.82
C ASN B 256 10.65 -18.72 -8.48
N LEU B 257 10.82 -20.04 -8.52
CA LEU B 257 12.02 -20.66 -9.06
C LEU B 257 11.69 -21.64 -10.18
N LEU B 258 10.62 -21.40 -10.93
CA LEU B 258 10.22 -22.32 -11.99
C LEU B 258 11.21 -22.31 -13.14
N GLU B 259 11.60 -23.52 -13.58
CA GLU B 259 12.61 -23.67 -14.62
C GLU B 259 12.20 -24.54 -15.80
N SER B 260 11.17 -25.38 -15.66
CA SER B 260 10.83 -26.36 -16.70
C SER B 260 9.56 -25.92 -17.41
N TRP B 261 9.66 -25.76 -18.73
CA TRP B 261 8.48 -25.46 -19.53
C TRP B 261 7.47 -26.61 -19.55
N SER B 262 7.91 -27.84 -19.33
CA SER B 262 6.97 -28.96 -19.34
C SER B 262 6.01 -28.92 -18.16
N ASP B 263 6.35 -28.18 -17.09
CA ASP B 263 5.46 -28.06 -15.95
C ASP B 263 4.12 -27.43 -16.31
N LEU B 264 4.10 -26.58 -17.35
CA LEU B 264 2.87 -25.92 -17.77
C LEU B 264 1.82 -26.89 -18.32
N ASP B 265 2.20 -28.16 -18.52
CA ASP B 265 1.20 -29.15 -18.92
C ASP B 265 0.15 -29.33 -17.84
N GLU B 266 0.52 -29.06 -16.58
CA GLU B 266 -0.40 -29.22 -15.47
C GLU B 266 -1.61 -28.30 -15.57
N LEU B 267 -1.51 -27.20 -16.32
CA LEU B 267 -2.58 -26.22 -16.40
C LEU B 267 -3.46 -26.40 -17.62
N LYS B 268 -3.20 -27.41 -18.46
CA LYS B 268 -3.95 -27.53 -19.70
C LYS B 268 -5.39 -27.94 -19.44
N GLY B 269 -5.68 -28.54 -18.29
CA GLY B 269 -7.06 -28.85 -17.96
C GLY B 269 -7.90 -27.63 -17.63
N ALA B 270 -7.27 -26.50 -17.31
CA ALA B 270 -7.99 -25.27 -17.00
C ALA B 270 -8.31 -24.57 -18.30
N ARG B 271 -9.48 -24.89 -18.87
CA ARG B 271 -9.85 -24.36 -20.17
C ARG B 271 -10.37 -22.93 -20.10
N SER B 272 -10.57 -22.38 -18.89
CA SER B 272 -10.95 -20.99 -18.70
C SER B 272 -9.85 -20.19 -18.02
N LEU B 273 -8.62 -20.67 -18.07
CA LEU B 273 -7.49 -19.92 -17.51
C LEU B 273 -7.27 -18.68 -18.36
N GLU B 274 -7.37 -17.52 -17.73
CA GLU B 274 -7.32 -16.24 -18.42
C GLU B 274 -6.05 -15.45 -18.13
N THR B 275 -5.57 -15.48 -16.89
CA THR B 275 -4.40 -14.71 -16.48
C THR B 275 -3.38 -15.65 -15.85
N VAL B 276 -2.11 -15.50 -16.25
CA VAL B 276 -1.01 -16.16 -15.58
C VAL B 276 0.09 -15.15 -15.33
N TYR B 277 0.69 -15.22 -14.14
CA TYR B 277 1.88 -14.45 -13.79
C TYR B 277 3.05 -15.41 -13.65
N LEU B 278 4.08 -15.22 -14.47
CA LEU B 278 5.24 -16.07 -14.44
C LEU B 278 6.52 -15.25 -14.48
N GLU B 279 6.42 -13.93 -14.51
CA GLU B 279 7.59 -13.09 -14.64
C GLU B 279 8.49 -13.25 -13.42
N ARG B 280 9.76 -12.91 -13.61
CA ARG B 280 10.79 -13.01 -12.58
C ARG B 280 10.91 -14.43 -12.03
N ASN B 281 10.53 -15.41 -12.84
CA ASN B 281 10.97 -16.78 -12.69
C ASN B 281 12.11 -17.03 -13.65
N PRO B 282 12.91 -18.08 -13.44
CA PRO B 282 13.92 -18.43 -14.45
C PRO B 282 13.33 -18.64 -15.83
N LEU B 283 12.07 -19.10 -15.93
CA LEU B 283 11.41 -19.28 -17.22
C LEU B 283 11.50 -18.04 -18.10
N GLN B 284 11.38 -16.85 -17.52
CA GLN B 284 11.35 -15.63 -18.31
C GLN B 284 12.68 -15.26 -18.97
N LYS B 285 13.78 -15.91 -18.57
CA LYS B 285 15.05 -15.72 -19.27
C LYS B 285 15.02 -16.26 -20.69
N ASP B 286 14.11 -17.18 -20.98
CA ASP B 286 13.93 -17.76 -22.31
C ASP B 286 13.50 -16.71 -23.33
N PRO B 287 14.25 -16.50 -24.41
CA PRO B 287 13.81 -15.55 -25.44
C PRO B 287 12.51 -15.96 -26.15
N GLN B 288 12.00 -17.17 -25.90
CA GLN B 288 10.72 -17.58 -26.45
C GLN B 288 9.67 -17.66 -25.34
N TYR B 289 9.88 -16.87 -24.28
CA TYR B 289 9.04 -16.96 -23.08
C TYR B 289 7.56 -16.74 -23.42
N ARG B 290 7.25 -15.59 -24.05
CA ARG B 290 5.86 -15.29 -24.40
C ARG B 290 5.30 -16.31 -25.37
N ARG B 291 6.13 -16.74 -26.33
CA ARG B 291 5.69 -17.73 -27.29
C ARG B 291 5.33 -19.05 -26.59
N LYS B 292 6.19 -19.48 -25.68
CA LYS B 292 6.00 -20.75 -24.99
C LYS B 292 4.79 -20.74 -24.05
N VAL B 293 4.54 -19.62 -23.36
CA VAL B 293 3.35 -19.53 -22.50
C VAL B 293 2.07 -19.72 -23.31
N MET B 294 1.95 -19.01 -24.44
CA MET B 294 0.73 -19.12 -25.25
C MET B 294 0.58 -20.51 -25.84
N LEU B 295 1.69 -21.15 -26.23
CA LEU B 295 1.59 -22.48 -26.78
C LEU B 295 1.09 -23.45 -25.72
N ALA B 296 1.58 -23.31 -24.49
CA ALA B 296 1.18 -24.22 -23.42
C ALA B 296 -0.25 -23.92 -22.97
N LEU B 297 -0.62 -22.64 -22.92
CA LEU B 297 -1.90 -22.20 -22.36
C LEU B 297 -2.65 -21.36 -23.39
N PRO B 298 -3.25 -22.00 -24.41
CA PRO B 298 -3.93 -21.23 -25.47
C PRO B 298 -5.14 -20.44 -25.00
N SER B 299 -5.66 -20.71 -23.79
CA SER B 299 -6.80 -19.98 -23.25
C SER B 299 -6.41 -18.66 -22.58
N VAL B 300 -5.13 -18.44 -22.32
CA VAL B 300 -4.69 -17.28 -21.56
C VAL B 300 -4.88 -16.00 -22.35
N ARG B 301 -5.43 -14.97 -21.71
CA ARG B 301 -5.60 -13.66 -22.32
C ARG B 301 -4.68 -12.60 -21.71
N GLN B 302 -4.10 -12.86 -20.54
CA GLN B 302 -3.20 -11.93 -19.87
C GLN B 302 -1.98 -12.69 -19.38
N ILE B 303 -0.79 -12.24 -19.78
CA ILE B 303 0.47 -12.81 -19.29
C ILE B 303 1.22 -11.70 -18.56
N ASP B 304 1.39 -11.89 -17.25
CA ASP B 304 1.95 -10.88 -16.34
C ASP B 304 1.09 -9.62 -16.47
N ALA B 305 1.67 -8.43 -16.68
CA ALA B 305 0.88 -7.21 -16.66
C ALA B 305 0.13 -6.94 -17.97
N THR B 306 0.55 -7.55 -19.07
CA THR B 306 0.12 -7.14 -20.39
C THR B 306 -0.84 -8.17 -20.96
N PHE B 307 -1.81 -7.70 -21.74
CA PHE B 307 -2.75 -8.62 -22.37
C PHE B 307 -2.17 -9.27 -23.63
N VAL B 308 -2.68 -10.46 -23.94
CA VAL B 308 -2.35 -11.18 -25.15
C VAL B 308 -3.52 -11.19 -26.14
N ARG B 309 -4.63 -11.81 -25.77
CA ARG B 309 -5.79 -11.89 -26.65
C ARG B 309 -6.72 -10.72 -26.40
N PHE B 310 -7.27 -10.18 -27.48
CA PHE B 310 -8.17 -9.02 -27.44
C PHE B 310 -7.44 -7.80 -26.85
N PRO C 15 27.99 29.49 -16.75
CA PRO C 15 28.78 28.67 -15.83
C PRO C 15 28.06 27.38 -15.42
N GLU C 16 28.31 26.94 -14.18
CA GLU C 16 27.64 25.77 -13.63
C GLU C 16 26.21 26.13 -13.23
N LYS C 17 25.69 25.44 -12.21
CA LYS C 17 24.40 25.78 -11.62
C LYS C 17 24.43 25.32 -10.17
N LYS C 18 24.21 26.24 -9.24
CA LYS C 18 24.37 25.97 -7.82
C LYS C 18 23.03 26.02 -7.10
N VAL C 19 22.86 25.14 -6.12
CA VAL C 19 21.67 25.16 -5.28
C VAL C 19 21.83 26.26 -4.23
N GLU C 20 20.91 27.22 -4.24
CA GLU C 20 20.83 28.26 -3.23
C GLU C 20 19.45 28.21 -2.57
N TRP C 21 19.32 28.94 -1.46
CA TRP C 21 18.07 29.00 -0.72
C TRP C 21 17.62 30.44 -0.59
N THR C 22 16.31 30.65 -0.73
CA THR C 22 15.76 31.98 -0.55
C THR C 22 15.97 32.45 0.89
N SER C 23 15.82 33.76 1.10
CA SER C 23 16.12 34.33 2.40
C SER C 23 15.08 33.94 3.44
N ASP C 24 13.83 33.69 3.02
CA ASP C 24 12.79 33.37 3.98
C ASP C 24 12.94 31.98 4.59
N THR C 25 13.65 31.06 3.93
CA THR C 25 13.68 29.68 4.39
C THR C 25 14.59 29.54 5.60
N VAL C 26 14.10 28.82 6.61
CA VAL C 26 14.74 28.71 7.91
C VAL C 26 15.48 27.38 7.99
N ASP C 27 16.69 27.42 8.55
CA ASP C 27 17.48 26.22 8.78
C ASP C 27 17.01 25.61 10.09
N ASN C 28 16.05 24.68 9.99
CA ASN C 28 15.45 24.03 11.16
C ASN C 28 16.16 22.74 11.54
N GLU C 29 17.46 22.64 11.27
CA GLU C 29 18.20 21.42 11.56
C GLU C 29 18.51 21.30 13.05
N HIS C 30 19.00 22.39 13.66
CA HIS C 30 19.35 22.41 15.07
C HIS C 30 18.26 23.08 15.92
N MET C 31 17.04 23.19 15.39
CA MET C 31 15.93 23.79 16.10
C MET C 31 15.08 22.76 16.85
N GLY C 32 15.62 21.57 17.08
CA GLY C 32 14.89 20.55 17.82
C GLY C 32 13.58 20.15 17.19
N ARG C 33 13.53 20.08 15.86
CA ARG C 33 12.31 19.71 15.16
C ARG C 33 12.08 18.21 15.27
N ARG C 34 10.84 17.82 15.54
CA ARG C 34 10.50 16.43 15.76
C ARG C 34 10.55 15.64 14.45
N SER C 35 10.98 14.38 14.55
CA SER C 35 11.18 13.53 13.38
C SER C 35 10.87 12.09 13.77
N SER C 36 9.95 11.45 13.04
CA SER C 36 9.50 10.10 13.35
C SER C 36 9.53 9.25 12.08
N LYS C 37 9.61 7.93 12.29
CA LYS C 37 9.66 6.97 11.20
C LYS C 37 8.27 6.38 10.93
N CYS C 38 7.41 7.22 10.36
CA CYS C 38 6.03 6.86 10.03
C CYS C 38 5.29 6.26 11.24
#